data_7LR7
#
_entry.id   7LR7
#
_cell.length_a   47.151
_cell.length_b   115.761
_cell.length_c   159.570
_cell.angle_alpha   90.000
_cell.angle_beta   90.000
_cell.angle_gamma   90.000
#
_symmetry.space_group_name_H-M   'I 2 2 2'
#
loop_
_entity.id
_entity.type
_entity.pdbx_description
1 polymer 'Uncharacterized protein ScGH5_18'
2 non-polymer 2-acetamido-2-deoxy-beta-D-glucopyranose
3 non-polymer 2-(2-ETHOXYETHOXY)ETHANOL
4 non-polymer 1,2-ETHANEDIOL
5 water water
#
_entity_poly.entity_id   1
_entity_poly.type   'polypeptide(L)'
_entity_poly.pdbx_seq_one_letter_code
;MAAQHGAPPSARSPRFGVNYTPSNGWFHHWLDFDLDAVRADLDSVAALGFDHVRVFPLWPVFQPNRTLIRPRAVEQLAAL
TDAAGERGLDVNVDGLQGHLSSFDFLPAWTTTWHRRNLFTDPDVVSGQAEYLRTLAAALADRPNFLGMTVGNEINQFSGH
PHPDPDRVTPEQAGDWLRRMLDACERGAPGRLHLHAEYDAAWYLDDHPFTPAHSARIGAVTAVHSWVFNGTAQRYGTRST
ATAQHAAYLVELAKAWAREPRRPVWLQEVGAPAPHVPAEYAAEFATATIDAVLDCPEVWGVTWWCSHDVDRRLADFPELE
YSLGLLTQDRRVKPAGRAVAEAVRRWRTETPAPRPRTTALVVDVGPGDQAPARSVCAPGGAVFEAFMRLTAQGARPTTVL
AEHATDADHLAARGITEVVTPHDVHLEHHHHHH
;
_entity_poly.pdbx_strand_id   A
#
loop_
_chem_comp.id
_chem_comp.type
_chem_comp.name
_chem_comp.formula
AE3 non-polymer 2-(2-ETHOXYETHOXY)ETHANOL 'C6 H14 O3'
EDO non-polymer 1,2-ETHANEDIOL 'C2 H6 O2'
NAG D-saccharide, beta linking 2-acetamido-2-deoxy-beta-D-glucopyranose 'C8 H15 N O6'
#
# COMPACT_ATOMS: atom_id res chain seq x y z
N SER A 10 2.33 -25.06 -5.39
CA SER A 10 1.73 -24.32 -4.28
C SER A 10 1.88 -22.81 -4.50
N ALA A 11 2.28 -22.44 -5.72
CA ALA A 11 2.64 -21.06 -6.02
C ALA A 11 1.44 -20.13 -5.89
N ARG A 12 1.68 -18.96 -5.31
CA ARG A 12 0.64 -17.97 -5.06
C ARG A 12 0.25 -17.23 -6.33
N SER A 13 -1.04 -16.93 -6.47
CA SER A 13 -1.57 -16.34 -7.68
C SER A 13 -1.99 -14.89 -7.42
N PRO A 14 -1.43 -13.92 -8.13
CA PRO A 14 -1.67 -12.50 -7.78
C PRO A 14 -3.02 -11.99 -8.27
N ARG A 15 -3.62 -11.11 -7.48
CA ARG A 15 -4.86 -10.44 -7.86
C ARG A 15 -4.58 -9.04 -8.41
N PHE A 16 -5.55 -8.48 -9.12
CA PHE A 16 -5.35 -7.17 -9.75
C PHE A 16 -6.51 -6.23 -9.45
N GLY A 17 -6.18 -5.04 -8.95
CA GLY A 17 -7.22 -4.07 -8.63
C GLY A 17 -6.78 -2.63 -8.77
N VAL A 18 -7.62 -1.68 -8.34
CA VAL A 18 -7.29 -0.27 -8.39
C VAL A 18 -7.71 0.43 -7.11
N ASN A 19 -6.96 1.47 -6.75
CA ASN A 19 -7.39 2.36 -5.69
C ASN A 19 -8.45 3.28 -6.27
N TYR A 20 -9.65 3.26 -5.69
CA TYR A 20 -10.81 3.99 -6.22
C TYR A 20 -10.73 5.45 -5.80
N THR A 21 -10.54 6.35 -6.77
CA THR A 21 -10.60 7.79 -6.52
C THR A 21 -11.84 8.35 -7.21
N PRO A 22 -12.95 8.57 -6.50
CA PRO A 22 -14.21 8.94 -7.17
C PRO A 22 -14.05 10.12 -8.12
N SER A 23 -14.61 9.98 -9.33
CA SER A 23 -14.37 10.99 -10.35
C SER A 23 -15.14 12.28 -10.06
N ASN A 24 -16.32 12.17 -9.45
CA ASN A 24 -17.15 13.32 -9.07
C ASN A 24 -16.93 13.64 -7.60
N GLY A 25 -16.17 14.70 -7.34
CA GLY A 25 -15.95 15.19 -5.99
C GLY A 25 -14.84 14.51 -5.22
N TRP A 26 -14.13 13.55 -5.83
CA TRP A 26 -12.98 12.90 -5.17
C TRP A 26 -13.48 12.26 -3.87
N PHE A 27 -12.64 12.18 -2.84
CA PHE A 27 -13.08 11.56 -1.59
C PHE A 27 -14.10 12.40 -0.85
N HIS A 28 -14.30 13.66 -1.26
CA HIS A 28 -15.38 14.49 -0.74
C HIS A 28 -16.76 14.02 -1.21
N HIS A 29 -16.83 13.05 -2.13
CA HIS A 29 -18.13 12.58 -2.57
C HIS A 29 -18.98 12.03 -1.43
N TRP A 30 -18.39 11.68 -0.28
CA TRP A 30 -19.23 11.20 0.82
C TRP A 30 -20.18 12.29 1.29
N LEU A 31 -19.81 13.57 1.10
CA LEU A 31 -20.67 14.67 1.50
C LEU A 31 -21.88 14.80 0.59
N ASP A 32 -21.81 14.28 -0.63
CA ASP A 32 -22.87 14.36 -1.61
C ASP A 32 -23.00 13.00 -2.31
N PHE A 33 -23.24 11.95 -1.51
CA PHE A 33 -23.07 10.59 -2.04
C PHE A 33 -24.05 10.30 -3.17
N ASP A 34 -23.50 9.85 -4.31
CA ASP A 34 -24.25 9.60 -5.54
C ASP A 34 -23.96 8.17 -5.99
N LEU A 35 -24.91 7.26 -5.78
CA LEU A 35 -24.64 5.85 -6.09
C LEU A 35 -24.54 5.62 -7.59
N ASP A 36 -25.30 6.36 -8.40
CA ASP A 36 -25.19 6.21 -9.84
C ASP A 36 -23.82 6.65 -10.34
N ALA A 37 -23.25 7.69 -9.74
CA ALA A 37 -21.91 8.12 -10.11
C ALA A 37 -20.87 7.10 -9.70
N VAL A 38 -21.05 6.47 -8.54
CA VAL A 38 -20.19 5.36 -8.14
C VAL A 38 -20.37 4.18 -9.07
N ARG A 39 -21.62 3.86 -9.45
CA ARG A 39 -21.85 2.75 -10.37
C ARG A 39 -21.12 2.95 -11.69
N ALA A 40 -21.17 4.17 -12.23
CA ALA A 40 -20.47 4.47 -13.48
C ALA A 40 -18.96 4.37 -13.31
N ASP A 41 -18.43 4.89 -12.20
CA ASP A 41 -16.99 4.73 -11.93
C ASP A 41 -16.58 3.27 -11.90
N LEU A 42 -17.27 2.46 -11.10
CA LEU A 42 -16.95 1.04 -10.98
C LEU A 42 -17.20 0.29 -12.28
N ASP A 43 -18.15 0.75 -13.09
CA ASP A 43 -18.33 0.17 -14.42
C ASP A 43 -17.05 0.28 -15.24
N SER A 44 -16.49 1.49 -15.31
CA SER A 44 -15.27 1.68 -16.08
C SER A 44 -14.09 0.96 -15.45
N VAL A 45 -14.17 0.67 -14.16
CA VAL A 45 -13.13 -0.11 -13.48
C VAL A 45 -13.21 -1.56 -13.92
N ALA A 46 -14.40 -2.16 -13.83
CA ALA A 46 -14.53 -3.58 -14.14
C ALA A 46 -14.31 -3.85 -15.62
N ALA A 47 -14.62 -2.87 -16.47
CA ALA A 47 -14.40 -3.03 -17.92
C ALA A 47 -12.93 -3.20 -18.25
N LEU A 48 -12.04 -2.75 -17.37
CA LEU A 48 -10.61 -2.94 -17.54
C LEU A 48 -10.12 -4.29 -17.02
N GLY A 49 -11.00 -5.08 -16.41
CA GLY A 49 -10.64 -6.42 -15.98
C GLY A 49 -10.12 -6.55 -14.56
N PHE A 50 -10.18 -5.49 -13.75
CA PHE A 50 -9.77 -5.61 -12.36
C PHE A 50 -10.75 -6.50 -11.59
N ASP A 51 -10.27 -7.07 -10.49
CA ASP A 51 -11.08 -7.92 -9.65
C ASP A 51 -11.34 -7.32 -8.27
N HIS A 52 -10.72 -6.20 -7.94
CA HIS A 52 -10.99 -5.59 -6.64
C HIS A 52 -10.73 -4.09 -6.71
N VAL A 53 -11.25 -3.40 -5.70
CA VAL A 53 -11.02 -1.98 -5.47
C VAL A 53 -10.57 -1.80 -4.03
N ARG A 54 -9.75 -0.78 -3.81
CA ARG A 54 -9.43 -0.27 -2.48
C ARG A 54 -10.13 1.08 -2.32
N VAL A 55 -10.91 1.23 -1.26
CA VAL A 55 -11.82 2.37 -1.16
C VAL A 55 -11.59 3.09 0.17
N PHE A 56 -11.92 4.38 0.21
CA PHE A 56 -11.49 5.27 1.28
C PHE A 56 -12.65 6.10 1.85
N PRO A 57 -13.18 5.71 3.00
CA PRO A 57 -13.97 6.66 3.78
C PRO A 57 -13.11 7.84 4.22
N LEU A 58 -13.77 8.95 4.52
CA LEU A 58 -13.12 10.06 5.20
C LEU A 58 -13.48 9.95 6.67
N TRP A 59 -12.48 9.63 7.50
CA TRP A 59 -12.69 9.42 8.93
C TRP A 59 -13.53 10.50 9.61
N PRO A 60 -13.22 11.80 9.51
CA PRO A 60 -14.04 12.79 10.24
C PRO A 60 -15.45 12.96 9.66
N VAL A 61 -15.69 12.59 8.40
CA VAL A 61 -17.05 12.58 7.87
C VAL A 61 -17.85 11.41 8.45
N PHE A 62 -17.19 10.27 8.63
CA PHE A 62 -17.87 9.11 9.22
C PHE A 62 -18.00 9.21 10.73
N GLN A 63 -17.02 9.82 11.40
CA GLN A 63 -17.00 9.93 12.85
C GLN A 63 -16.78 11.38 13.26
N PRO A 64 -17.74 12.27 12.97
CA PRO A 64 -17.52 13.70 13.24
C PRO A 64 -17.40 14.01 14.74
N ASN A 65 -17.84 13.11 15.61
CA ASN A 65 -17.68 13.26 17.05
C ASN A 65 -17.30 11.89 17.58
N ARG A 66 -16.48 11.85 18.63
CA ARG A 66 -15.93 10.57 19.10
C ARG A 66 -16.99 9.49 19.23
N THR A 67 -18.18 9.83 19.72
CA THR A 67 -19.23 8.83 19.85
C THR A 67 -20.35 9.00 18.84
N LEU A 68 -20.07 9.64 17.70
CA LEU A 68 -21.02 9.67 16.60
C LEU A 68 -20.35 9.04 15.38
N ILE A 69 -20.63 7.77 15.15
CA ILE A 69 -20.28 7.08 13.91
C ILE A 69 -21.56 7.01 13.11
N ARG A 70 -21.61 7.76 12.00
CA ARG A 70 -22.85 8.04 11.28
C ARG A 70 -23.37 6.80 10.56
N PRO A 71 -24.56 6.28 10.94
CA PRO A 71 -25.08 5.10 10.24
C PRO A 71 -25.29 5.31 8.75
N ARG A 72 -25.69 6.53 8.33
CA ARG A 72 -25.88 6.78 6.91
C ARG A 72 -24.56 6.68 6.14
N ALA A 73 -23.48 7.22 6.70
CA ALA A 73 -22.17 7.03 6.09
C ALA A 73 -21.82 5.56 5.96
N VAL A 74 -22.07 4.79 7.01
CA VAL A 74 -21.84 3.36 6.96
C VAL A 74 -22.72 2.73 5.89
N GLU A 75 -24.02 3.09 5.86
CA GLU A 75 -24.92 2.56 4.83
C GLU A 75 -24.40 2.87 3.43
N GLN A 76 -23.93 4.10 3.23
CA GLN A 76 -23.35 4.45 1.94
C GLN A 76 -22.16 3.56 1.59
N LEU A 77 -21.29 3.29 2.57
CA LEU A 77 -20.17 2.39 2.30
C LEU A 77 -20.66 1.01 1.91
N ALA A 78 -21.70 0.50 2.57
CA ALA A 78 -22.26 -0.79 2.21
C ALA A 78 -22.85 -0.77 0.79
N ALA A 79 -23.58 0.29 0.44
CA ALA A 79 -24.11 0.39 -0.93
C ALA A 79 -22.99 0.42 -1.97
N LEU A 80 -21.94 1.17 -1.70
CA LEU A 80 -20.76 1.12 -2.56
C LEU A 80 -20.22 -0.30 -2.66
N THR A 81 -20.09 -0.96 -1.52
CA THR A 81 -19.56 -2.32 -1.55
C THR A 81 -20.48 -3.25 -2.33
N ASP A 82 -21.80 -3.07 -2.22
CA ASP A 82 -22.76 -3.88 -2.98
C ASP A 82 -22.68 -3.59 -4.48
N ALA A 83 -22.60 -2.31 -4.86
CA ALA A 83 -22.44 -1.97 -6.26
C ALA A 83 -21.21 -2.64 -6.85
N ALA A 84 -20.10 -2.61 -6.12
CA ALA A 84 -18.88 -3.28 -6.56
C ALA A 84 -19.11 -4.79 -6.69
N GLY A 85 -19.78 -5.39 -5.70
CA GLY A 85 -20.02 -6.82 -5.74
C GLY A 85 -20.79 -7.24 -6.98
N GLU A 86 -21.83 -6.47 -7.34
CA GLU A 86 -22.60 -6.74 -8.55
C GLU A 86 -21.70 -6.77 -9.77
N ARG A 87 -20.63 -5.99 -9.75
CA ARG A 87 -19.72 -5.85 -10.87
C ARG A 87 -18.54 -6.80 -10.76
N GLY A 88 -18.61 -7.79 -9.87
CA GLY A 88 -17.52 -8.73 -9.72
C GLY A 88 -16.26 -8.14 -9.13
N LEU A 89 -16.37 -7.15 -8.26
CA LEU A 89 -15.23 -6.50 -7.63
C LEU A 89 -15.30 -6.76 -6.13
N ASP A 90 -14.21 -7.29 -5.57
CA ASP A 90 -14.05 -7.34 -4.12
C ASP A 90 -13.56 -5.99 -3.59
N VAL A 91 -13.74 -5.77 -2.28
CA VAL A 91 -13.50 -4.45 -1.70
C VAL A 91 -12.62 -4.59 -0.45
N ASN A 92 -11.50 -3.87 -0.43
CA ASN A 92 -10.74 -3.61 0.79
C ASN A 92 -11.10 -2.19 1.22
N VAL A 93 -11.37 -2.00 2.52
CA VAL A 93 -11.73 -0.68 3.02
C VAL A 93 -10.61 -0.18 3.92
N ASP A 94 -10.06 0.99 3.59
CA ASP A 94 -9.11 1.66 4.47
C ASP A 94 -9.91 2.50 5.47
N GLY A 95 -9.59 2.36 6.76
CA GLY A 95 -10.35 3.03 7.81
C GLY A 95 -9.98 4.46 8.10
N LEU A 96 -8.78 4.66 8.65
CA LEU A 96 -8.38 5.93 9.25
C LEU A 96 -7.68 6.83 8.22
N GLN A 97 -8.49 7.59 7.47
CA GLN A 97 -8.00 8.71 6.64
C GLN A 97 -8.56 10.00 7.26
N GLY A 98 -7.73 10.73 7.99
CA GLY A 98 -6.28 10.52 7.99
C GLY A 98 -5.65 11.16 6.75
N HIS A 99 -4.63 10.52 6.19
CA HIS A 99 -3.88 11.15 5.12
C HIS A 99 -4.31 10.64 3.75
N LEU A 100 -4.55 11.57 2.83
CA LEU A 100 -4.82 11.24 1.43
C LEU A 100 -4.26 12.34 0.54
N SER A 101 -3.22 12.02 -0.24
CA SER A 101 -2.76 12.87 -1.36
C SER A 101 -2.38 14.28 -0.89
N SER A 102 -1.58 14.35 0.17
CA SER A 102 -1.00 15.52 0.81
C SER A 102 -1.95 16.17 1.84
N PHE A 103 -3.22 15.76 1.91
CA PHE A 103 -4.15 16.36 2.87
C PHE A 103 -4.29 15.46 4.10
N ASP A 104 -4.33 16.09 5.28
CA ASP A 104 -4.66 15.39 6.52
C ASP A 104 -6.11 15.68 6.89
N PHE A 105 -6.93 14.64 6.99
CA PHE A 105 -8.31 14.78 7.45
C PHE A 105 -8.40 14.28 8.89
N LEU A 106 -8.43 15.22 9.83
CA LEU A 106 -8.36 14.90 11.24
C LEU A 106 -9.62 15.39 11.92
N PRO A 107 -10.32 14.53 12.69
CA PRO A 107 -11.54 14.98 13.35
C PRO A 107 -11.24 16.08 14.33
N ALA A 108 -12.22 16.97 14.51
CA ALA A 108 -12.07 18.06 15.46
C ALA A 108 -11.79 17.55 16.86
N TRP A 109 -12.24 16.35 17.19
CA TRP A 109 -12.02 15.86 18.55
C TRP A 109 -10.63 15.25 18.75
N THR A 110 -9.71 15.38 17.77
CA THR A 110 -8.32 14.99 17.97
C THR A 110 -7.34 16.16 17.95
N THR A 111 -7.81 17.40 17.80
CA THR A 111 -6.92 18.50 17.48
C THR A 111 -7.15 19.71 18.40
N THR A 112 -6.18 20.64 18.34
CA THR A 112 -6.08 21.86 19.14
C THR A 112 -6.63 21.69 20.55
N TRP A 113 -7.81 22.22 20.84
CA TRP A 113 -8.37 22.17 22.18
C TRP A 113 -8.57 20.75 22.67
N HIS A 114 -8.74 19.79 21.74
CA HIS A 114 -8.80 18.37 22.07
C HIS A 114 -7.59 17.60 21.54
N ARG A 115 -6.44 18.26 21.33
CA ARG A 115 -5.29 17.56 20.78
C ARG A 115 -4.95 16.36 21.66
N ARG A 116 -5.09 15.16 21.08
CA ARG A 116 -4.85 13.92 21.81
C ARG A 116 -4.15 12.95 20.86
N ASN A 117 -2.99 12.46 21.29
CA ASN A 117 -2.10 11.69 20.42
C ASN A 117 -2.84 10.53 19.77
N LEU A 118 -2.70 10.48 18.44
CA LEU A 118 -3.45 9.54 17.61
C LEU A 118 -3.13 8.10 17.97
N PHE A 119 -1.93 7.83 18.45
CA PHE A 119 -1.49 6.47 18.67
C PHE A 119 -1.51 6.06 20.14
N THR A 120 -1.60 7.01 21.07
CA THR A 120 -1.44 6.67 22.48
C THR A 120 -2.56 7.14 23.38
N ASP A 121 -3.40 8.09 22.96
CA ASP A 121 -4.41 8.58 23.88
C ASP A 121 -5.52 7.55 24.03
N PRO A 122 -5.87 7.15 25.25
CA PRO A 122 -6.85 6.06 25.42
C PRO A 122 -8.22 6.40 24.86
N ASP A 123 -8.65 7.66 24.94
CA ASP A 123 -9.98 7.98 24.42
C ASP A 123 -9.98 7.98 22.89
N VAL A 124 -8.97 8.57 22.26
CA VAL A 124 -8.93 8.56 20.80
C VAL A 124 -8.77 7.13 20.28
N VAL A 125 -7.86 6.37 20.88
CA VAL A 125 -7.64 4.99 20.44
C VAL A 125 -8.92 4.17 20.61
N SER A 126 -9.60 4.32 21.75
CA SER A 126 -10.91 3.69 21.91
C SER A 126 -11.89 4.14 20.83
N GLY A 127 -11.84 5.42 20.43
CA GLY A 127 -12.73 5.85 19.36
C GLY A 127 -12.35 5.24 18.03
N GLN A 128 -11.05 5.17 17.75
CA GLN A 128 -10.58 4.55 16.50
C GLN A 128 -11.04 3.10 16.43
N ALA A 129 -10.87 2.36 17.53
CA ALA A 129 -11.28 0.97 17.59
C ALA A 129 -12.77 0.82 17.27
N GLU A 130 -13.63 1.62 17.92
CA GLU A 130 -15.06 1.48 17.66
C GLU A 130 -15.37 1.76 16.20
N TYR A 131 -14.70 2.76 15.62
CA TYR A 131 -14.85 3.10 14.21
C TYR A 131 -14.50 1.93 13.31
N LEU A 132 -13.29 1.38 13.47
CA LEU A 132 -12.90 0.25 12.63
C LEU A 132 -13.83 -0.93 12.84
N ARG A 133 -14.15 -1.24 14.10
CA ARG A 133 -15.01 -2.38 14.36
C ARG A 133 -16.38 -2.21 13.71
N THR A 134 -16.91 -0.98 13.73
CA THR A 134 -18.21 -0.73 13.13
C THR A 134 -18.18 -0.93 11.61
N LEU A 135 -17.18 -0.37 10.93
CA LEU A 135 -17.10 -0.58 9.49
C LEU A 135 -17.02 -2.07 9.18
N ALA A 136 -16.07 -2.77 9.81
CA ALA A 136 -15.89 -4.20 9.53
C ALA A 136 -17.18 -4.98 9.77
N ALA A 137 -17.87 -4.70 10.88
CA ALA A 137 -19.09 -5.42 11.22
C ALA A 137 -20.20 -5.14 10.21
N ALA A 138 -20.31 -3.89 9.75
CA ALA A 138 -21.33 -3.54 8.78
C ALA A 138 -21.14 -4.26 7.46
N LEU A 139 -19.89 -4.55 7.09
CA LEU A 139 -19.60 -5.20 5.83
C LEU A 139 -19.40 -6.71 5.97
N ALA A 140 -19.54 -7.24 7.19
CA ALA A 140 -19.20 -8.64 7.44
C ALA A 140 -20.10 -9.59 6.67
N ASP A 141 -21.34 -9.18 6.40
CA ASP A 141 -22.27 -10.00 5.64
C ASP A 141 -22.16 -9.77 4.13
N ARG A 142 -21.16 -9.02 3.67
CA ARG A 142 -20.93 -8.86 2.24
C ARG A 142 -19.94 -9.91 1.78
N PRO A 143 -20.35 -10.84 0.92
CA PRO A 143 -19.41 -11.88 0.46
C PRO A 143 -18.23 -11.33 -0.32
N ASN A 144 -18.28 -10.09 -0.82
CA ASN A 144 -17.18 -9.52 -1.58
C ASN A 144 -16.30 -8.62 -0.73
N PHE A 145 -16.54 -8.55 0.58
CA PHE A 145 -15.76 -7.69 1.46
C PHE A 145 -14.46 -8.40 1.81
N LEU A 146 -13.33 -7.88 1.32
CA LEU A 146 -12.03 -8.47 1.63
C LEU A 146 -11.68 -8.34 3.11
N GLY A 147 -11.72 -7.13 3.62
CA GLY A 147 -11.23 -6.83 4.95
C GLY A 147 -10.80 -5.37 5.02
N MET A 148 -10.27 -5.01 6.19
CA MET A 148 -9.84 -3.66 6.47
C MET A 148 -8.32 -3.50 6.36
N THR A 149 -7.90 -2.34 5.90
CA THR A 149 -6.59 -1.78 6.14
C THR A 149 -6.77 -0.70 7.19
N VAL A 150 -5.95 -0.73 8.24
CA VAL A 150 -6.17 0.17 9.38
C VAL A 150 -6.37 1.60 8.91
N GLY A 151 -5.47 2.08 8.05
CA GLY A 151 -5.54 3.44 7.55
C GLY A 151 -4.40 3.70 6.59
N ASN A 152 -4.65 4.54 5.59
CA ASN A 152 -3.69 4.77 4.51
C ASN A 152 -2.45 5.47 5.04
N GLU A 153 -1.32 4.74 5.13
CA GLU A 153 -0.02 5.36 5.42
C GLU A 153 -0.10 6.21 6.69
N ILE A 154 -0.76 5.65 7.72
CA ILE A 154 -0.98 6.39 8.96
C ILE A 154 0.34 6.69 9.64
N ASN A 155 1.41 5.96 9.30
CA ASN A 155 2.72 6.26 9.88
C ASN A 155 3.21 7.65 9.53
N GLN A 156 2.69 8.28 8.46
CA GLN A 156 3.12 9.63 8.14
C GLN A 156 2.81 10.62 9.27
N PHE A 157 1.90 10.29 10.18
CA PHE A 157 1.61 11.16 11.31
C PHE A 157 2.63 11.03 12.44
N SER A 158 3.53 10.04 12.38
CA SER A 158 4.28 9.61 13.56
C SER A 158 5.62 10.33 13.73
N GLY A 159 6.10 11.07 12.74
CA GLY A 159 7.39 11.70 12.89
C GLY A 159 7.74 12.52 11.68
N HIS A 160 8.97 13.08 11.71
CA HIS A 160 9.58 13.78 10.58
C HIS A 160 9.34 12.99 9.30
N PRO A 161 9.05 13.64 8.15
CA PRO A 161 8.99 15.10 7.99
C PRO A 161 7.63 15.75 8.31
N HIS A 162 6.72 15.07 9.01
CA HIS A 162 5.43 15.67 9.29
C HIS A 162 5.60 16.97 10.08
N PRO A 163 4.90 18.05 9.71
CA PRO A 163 5.12 19.34 10.39
C PRO A 163 4.59 19.39 11.82
N ASP A 164 3.70 18.47 12.20
CA ASP A 164 3.10 18.48 13.54
C ASP A 164 2.84 17.04 13.99
N PRO A 165 3.87 16.23 14.15
CA PRO A 165 3.65 14.78 14.29
C PRO A 165 3.07 14.43 15.66
N ASP A 166 2.41 13.28 15.69
CA ASP A 166 2.01 12.58 16.92
C ASP A 166 3.10 11.53 17.16
N ARG A 167 4.08 11.89 17.99
CA ARG A 167 5.26 11.05 18.13
C ARG A 167 4.97 9.83 19.01
N VAL A 168 5.65 8.73 18.68
CA VAL A 168 5.47 7.44 19.36
C VAL A 168 6.77 6.65 19.25
N THR A 169 7.03 5.82 20.26
CA THR A 169 8.08 4.82 20.19
C THR A 169 7.64 3.65 19.32
N PRO A 170 8.59 2.88 18.78
CA PRO A 170 8.21 1.72 17.97
C PRO A 170 7.34 0.74 18.71
N GLU A 171 7.61 0.51 20.00
CA GLU A 171 6.77 -0.38 20.80
C GLU A 171 5.35 0.15 20.89
N GLN A 172 5.20 1.47 21.09
CA GLN A 172 3.88 2.07 21.11
C GLN A 172 3.18 1.91 19.77
N ALA A 173 3.91 2.06 18.67
CA ALA A 173 3.30 1.93 17.36
C ALA A 173 2.83 0.49 17.10
N GLY A 174 3.64 -0.50 17.46
CA GLY A 174 3.22 -1.88 17.27
C GLY A 174 2.05 -2.27 18.15
N ASP A 175 2.04 -1.76 19.39
CA ASP A 175 0.89 -2.01 20.26
C ASP A 175 -0.38 -1.37 19.69
N TRP A 176 -0.27 -0.16 19.17
CA TRP A 176 -1.46 0.50 18.62
C TRP A 176 -1.99 -0.28 17.42
N LEU A 177 -1.10 -0.71 16.53
CA LEU A 177 -1.49 -1.54 15.38
C LEU A 177 -2.25 -2.78 15.82
N ARG A 178 -1.74 -3.49 16.83
CA ARG A 178 -2.42 -4.68 17.30
C ARG A 178 -3.85 -4.35 17.74
N ARG A 179 -4.02 -3.29 18.51
CA ARG A 179 -5.36 -2.98 18.99
C ARG A 179 -6.28 -2.62 17.84
N MET A 180 -5.75 -1.88 16.86
CA MET A 180 -6.55 -1.52 15.68
C MET A 180 -6.97 -2.78 14.91
N LEU A 181 -6.02 -3.70 14.70
CA LEU A 181 -6.37 -4.93 13.98
C LEU A 181 -7.29 -5.82 14.80
N ASP A 182 -7.11 -5.84 16.13
CA ASP A 182 -8.05 -6.54 17.00
C ASP A 182 -9.48 -6.09 16.74
N ALA A 183 -9.67 -4.77 16.58
CA ALA A 183 -11.01 -4.23 16.33
C ALA A 183 -11.56 -4.68 14.99
N CYS A 184 -10.74 -4.61 13.93
CA CYS A 184 -11.15 -5.16 12.63
C CYS A 184 -11.56 -6.62 12.73
N GLU A 185 -10.73 -7.42 13.40
CA GLU A 185 -11.00 -8.84 13.54
C GLU A 185 -12.29 -9.09 14.30
N ARG A 186 -12.58 -8.23 15.27
CA ARG A 186 -13.78 -8.39 16.08
C ARG A 186 -15.04 -8.10 15.25
N GLY A 187 -14.99 -7.07 14.40
CA GLY A 187 -16.14 -6.76 13.55
C GLY A 187 -16.36 -7.75 12.41
N ALA A 188 -15.28 -8.30 11.85
CA ALA A 188 -15.37 -9.25 10.74
C ALA A 188 -14.33 -10.36 10.93
N PRO A 189 -14.64 -11.38 11.72
CA PRO A 189 -13.66 -12.46 11.95
C PRO A 189 -13.25 -13.13 10.65
N GLY A 190 -11.97 -13.52 10.58
CA GLY A 190 -11.51 -14.31 9.47
C GLY A 190 -11.27 -13.56 8.18
N ARG A 191 -11.51 -12.25 8.16
CA ARG A 191 -11.32 -11.46 6.97
C ARG A 191 -9.84 -11.04 6.85
N LEU A 192 -9.50 -10.43 5.71
CA LEU A 192 -8.13 -10.00 5.43
C LEU A 192 -7.92 -8.62 6.03
N HIS A 193 -7.41 -8.58 7.25
CA HIS A 193 -7.17 -7.31 7.93
C HIS A 193 -5.67 -7.05 8.01
N LEU A 194 -5.26 -5.83 7.66
CA LEU A 194 -3.84 -5.50 7.60
C LEU A 194 -3.66 -4.01 7.92
N HIS A 195 -2.40 -3.56 7.89
CA HIS A 195 -2.08 -2.14 7.92
C HIS A 195 -1.09 -1.84 6.81
N ALA A 196 -1.01 -0.58 6.41
CA ALA A 196 -0.20 -0.19 5.24
C ALA A 196 0.55 1.10 5.57
N GLU A 197 1.88 1.03 5.59
CA GLU A 197 2.72 2.17 5.93
C GLU A 197 3.48 2.64 4.69
N TYR A 198 3.67 3.96 4.56
CA TYR A 198 4.46 4.42 3.42
C TYR A 198 5.94 4.14 3.66
N ASP A 199 6.76 4.37 2.63
CA ASP A 199 8.09 3.75 2.58
C ASP A 199 9.09 4.30 3.59
N ALA A 200 8.75 5.35 4.34
CA ALA A 200 9.60 5.71 5.47
C ALA A 200 9.78 4.55 6.43
N ALA A 201 8.83 3.62 6.46
CA ALA A 201 8.96 2.49 7.36
C ALA A 201 10.19 1.63 7.02
N TRP A 202 10.62 1.65 5.76
CA TRP A 202 11.79 0.89 5.32
C TRP A 202 13.02 1.76 5.06
N TYR A 203 12.85 3.08 4.91
CA TYR A 203 13.87 3.95 4.37
C TYR A 203 14.41 5.00 5.34
N LEU A 204 13.67 5.36 6.38
CA LEU A 204 13.99 6.51 7.22
C LEU A 204 14.49 6.00 8.57
N ASP A 205 15.71 6.38 8.93
CA ASP A 205 16.29 5.95 10.19
C ASP A 205 15.47 6.50 11.35
N ASP A 206 15.17 5.64 12.32
CA ASP A 206 14.46 6.03 13.54
C ASP A 206 13.03 6.51 13.27
N HIS A 207 12.46 6.10 12.16
CA HIS A 207 11.04 6.25 11.96
C HIS A 207 10.31 5.25 12.86
N PRO A 208 9.28 5.68 13.60
CA PRO A 208 8.68 4.79 14.62
C PRO A 208 8.04 3.54 14.07
N PHE A 209 7.49 3.57 12.86
CA PHE A 209 6.92 2.39 12.22
C PHE A 209 8.05 1.68 11.47
N THR A 210 8.18 0.37 11.71
CA THR A 210 9.38 -0.36 11.31
C THR A 210 9.08 -1.44 10.29
N PRO A 211 10.09 -2.02 9.64
CA PRO A 211 9.81 -3.15 8.73
C PRO A 211 9.26 -4.37 9.45
N ALA A 212 9.62 -4.58 10.72
CA ALA A 212 9.07 -5.71 11.48
C ALA A 212 7.57 -5.53 11.72
N HIS A 213 7.15 -4.32 12.08
CA HIS A 213 5.73 -4.00 12.17
C HIS A 213 5.00 -4.39 10.89
N SER A 214 5.52 -3.99 9.73
CA SER A 214 4.83 -4.25 8.46
C SER A 214 4.79 -5.74 8.14
N ALA A 215 5.86 -6.46 8.47
CA ALA A 215 5.95 -7.86 8.08
C ALA A 215 5.47 -8.83 9.14
N ARG A 216 5.19 -8.35 10.37
CA ARG A 216 4.81 -9.27 11.43
C ARG A 216 3.52 -8.91 12.12
N ILE A 217 2.84 -7.85 11.70
CA ILE A 217 1.53 -7.46 12.22
C ILE A 217 0.58 -7.31 11.03
N GLY A 218 -0.63 -7.86 11.14
CA GLY A 218 -1.59 -7.86 10.05
C GLY A 218 -1.43 -9.08 9.15
N ALA A 219 -2.44 -9.30 8.30
CA ALA A 219 -2.51 -10.59 7.58
C ALA A 219 -1.46 -10.70 6.49
N VAL A 220 -1.10 -9.58 5.84
CA VAL A 220 -0.10 -9.59 4.78
C VAL A 220 0.68 -8.28 4.88
N THR A 221 1.85 -8.27 4.26
CA THR A 221 2.65 -7.05 4.20
C THR A 221 2.13 -6.20 3.06
N ALA A 222 1.85 -4.93 3.35
CA ALA A 222 1.43 -3.96 2.33
C ALA A 222 2.56 -3.00 2.04
N VAL A 223 2.84 -2.78 0.75
CA VAL A 223 3.86 -1.83 0.33
C VAL A 223 3.27 -0.86 -0.69
N HIS A 224 3.70 0.40 -0.63
CA HIS A 224 3.28 1.45 -1.55
C HIS A 224 4.52 1.93 -2.30
N SER A 225 4.58 1.71 -3.61
CA SER A 225 5.78 1.94 -4.40
C SER A 225 5.64 3.23 -5.21
N TRP A 226 6.46 4.24 -4.88
CA TRP A 226 6.35 5.56 -5.47
C TRP A 226 7.73 6.07 -5.89
N VAL A 227 8.01 6.07 -7.21
CA VAL A 227 9.36 6.39 -7.68
C VAL A 227 9.66 7.90 -7.60
N PHE A 228 8.71 8.70 -7.12
CA PHE A 228 9.11 10.08 -6.80
C PHE A 228 9.89 10.20 -5.50
N ASN A 229 10.17 9.09 -4.82
CA ASN A 229 10.83 9.16 -3.50
C ASN A 229 12.32 9.42 -3.59
N GLY A 230 12.84 9.84 -4.75
CA GLY A 230 14.27 9.95 -4.99
C GLY A 230 14.80 8.99 -6.03
N THR A 231 14.07 7.91 -6.31
CA THR A 231 14.52 6.89 -7.24
C THR A 231 14.61 7.43 -8.66
N ALA A 232 13.48 7.93 -9.18
CA ALA A 232 13.49 8.50 -10.53
C ALA A 232 14.45 9.67 -10.63
N GLN A 233 14.57 10.45 -9.56
CA GLN A 233 15.48 11.59 -9.58
C GLN A 233 16.94 11.13 -9.67
N ARG A 234 17.33 10.12 -8.90
CA ARG A 234 18.75 9.73 -8.88
C ARG A 234 19.14 8.86 -10.07
N TYR A 235 18.25 8.00 -10.53
CA TYR A 235 18.59 6.97 -11.51
C TYR A 235 17.97 7.18 -12.88
N GLY A 236 17.08 8.16 -13.04
CA GLY A 236 16.45 8.37 -14.34
C GLY A 236 15.15 7.61 -14.50
N THR A 237 14.26 8.16 -15.33
CA THR A 237 12.95 7.56 -15.55
C THR A 237 13.06 6.18 -16.20
N ARG A 238 13.90 6.05 -17.23
CA ARG A 238 14.06 4.78 -17.94
C ARG A 238 15.31 4.10 -17.40
N SER A 239 15.15 3.40 -16.27
CA SER A 239 16.29 2.80 -15.61
C SER A 239 15.86 1.52 -14.91
N THR A 240 16.86 0.69 -14.60
CA THR A 240 16.61 -0.51 -13.82
C THR A 240 15.94 -0.16 -12.50
N ALA A 241 16.54 0.76 -11.74
CA ALA A 241 16.04 1.09 -10.41
C ALA A 241 14.60 1.60 -10.46
N THR A 242 14.30 2.48 -11.40
CA THR A 242 12.94 3.01 -11.49
C THR A 242 11.96 1.90 -11.86
N ALA A 243 12.29 1.07 -12.84
CA ALA A 243 11.37 0.03 -13.27
C ALA A 243 11.20 -1.03 -12.19
N GLN A 244 12.25 -1.29 -11.42
CA GLN A 244 12.27 -2.40 -10.48
C GLN A 244 11.90 -1.98 -9.07
N HIS A 245 11.50 -0.72 -8.86
CA HIS A 245 11.36 -0.24 -7.49
C HIS A 245 10.28 -1.00 -6.74
N ALA A 246 9.17 -1.33 -7.42
CA ALA A 246 8.13 -2.11 -6.75
C ALA A 246 8.64 -3.51 -6.41
N ALA A 247 9.29 -4.18 -7.35
CA ALA A 247 9.84 -5.49 -7.06
C ALA A 247 10.80 -5.44 -5.88
N TYR A 248 11.60 -4.35 -5.79
CA TYR A 248 12.57 -4.26 -4.71
C TYR A 248 11.89 -4.15 -3.36
N LEU A 249 10.89 -3.28 -3.26
CA LEU A 249 10.10 -3.16 -2.03
C LEU A 249 9.48 -4.49 -1.63
N VAL A 250 8.99 -5.25 -2.61
CA VAL A 250 8.43 -6.57 -2.33
C VAL A 250 9.48 -7.47 -1.68
N GLU A 251 10.63 -7.63 -2.34
CA GLU A 251 11.64 -8.55 -1.85
C GLU A 251 12.30 -8.05 -0.58
N LEU A 252 12.49 -6.74 -0.44
CA LEU A 252 13.00 -6.17 0.81
C LEU A 252 12.08 -6.51 1.97
N ALA A 253 10.77 -6.28 1.79
CA ALA A 253 9.83 -6.49 2.88
C ALA A 253 9.80 -7.92 3.37
N LYS A 254 10.20 -8.88 2.52
CA LYS A 254 10.22 -10.28 2.92
C LYS A 254 11.25 -10.56 4.01
N ALA A 255 12.33 -9.77 4.08
CA ALA A 255 13.42 -10.06 5.01
C ALA A 255 12.95 -10.09 6.46
N TRP A 256 11.96 -9.27 6.82
CA TRP A 256 11.54 -9.21 8.21
C TRP A 256 10.43 -10.18 8.55
N ALA A 257 9.96 -10.95 7.57
CA ALA A 257 8.81 -11.82 7.76
C ALA A 257 9.19 -13.06 8.54
N ARG A 258 8.36 -13.41 9.53
CA ARG A 258 8.56 -14.66 10.24
C ARG A 258 8.11 -15.85 9.41
N GLU A 259 7.03 -15.70 8.65
CA GLU A 259 6.54 -16.79 7.81
C GLU A 259 7.18 -16.73 6.44
N PRO A 260 7.81 -17.81 5.96
CA PRO A 260 8.51 -17.75 4.67
C PRO A 260 7.62 -17.53 3.46
N ARG A 261 6.33 -17.87 3.54
CA ARG A 261 5.42 -17.63 2.43
C ARG A 261 4.42 -16.50 2.72
N ARG A 262 4.71 -15.63 3.69
CA ARG A 262 3.83 -14.50 3.96
C ARG A 262 3.70 -13.69 2.68
N PRO A 263 2.50 -13.48 2.17
CA PRO A 263 2.36 -12.75 0.91
C PRO A 263 2.72 -11.29 1.09
N VAL A 264 3.01 -10.63 -0.02
CA VAL A 264 3.21 -9.20 -0.03
C VAL A 264 2.21 -8.58 -0.99
N TRP A 265 1.53 -7.54 -0.55
CA TRP A 265 0.55 -6.85 -1.37
C TRP A 265 1.15 -5.53 -1.86
N LEU A 266 1.31 -5.40 -3.18
CA LEU A 266 1.68 -4.10 -3.78
C LEU A 266 0.41 -3.28 -3.84
N GLN A 267 0.07 -2.68 -2.70
CA GLN A 267 -1.23 -2.04 -2.55
C GLN A 267 -1.30 -0.69 -3.28
N GLU A 268 -0.18 -0.01 -3.47
CA GLU A 268 -0.15 1.20 -4.27
C GLU A 268 1.03 1.15 -5.22
N VAL A 269 0.76 1.44 -6.48
CA VAL A 269 1.82 1.68 -7.45
C VAL A 269 1.22 2.57 -8.53
N GLY A 270 1.96 3.59 -8.93
CA GLY A 270 1.46 4.53 -9.92
C GLY A 270 2.58 5.15 -10.70
N ALA A 271 2.21 5.96 -11.70
CA ALA A 271 3.17 6.61 -12.59
C ALA A 271 3.12 8.13 -12.40
N PRO A 272 3.94 8.69 -11.52
CA PRO A 272 3.80 10.12 -11.21
C PRO A 272 4.58 11.03 -12.14
N ALA A 273 3.87 11.91 -12.83
CA ALA A 273 4.58 12.91 -13.60
C ALA A 273 5.06 14.03 -12.67
N PRO A 274 6.18 14.70 -13.01
CA PRO A 274 7.03 14.58 -14.20
C PRO A 274 8.03 13.40 -14.16
N HIS A 275 8.24 12.82 -12.98
CA HIS A 275 9.20 11.72 -12.84
C HIS A 275 8.95 10.61 -13.85
N VAL A 276 7.68 10.32 -14.11
CA VAL A 276 7.26 9.49 -15.23
C VAL A 276 6.33 10.31 -16.10
N PRO A 277 6.83 10.89 -17.19
CA PRO A 277 5.95 11.67 -18.07
C PRO A 277 4.82 10.80 -18.60
N ALA A 278 3.68 11.45 -18.89
CA ALA A 278 2.51 10.72 -19.36
C ALA A 278 2.80 9.86 -20.58
N GLU A 279 3.71 10.32 -21.46
CA GLU A 279 4.03 9.58 -22.67
C GLU A 279 4.76 8.27 -22.38
N TYR A 280 5.35 8.15 -21.19
CA TYR A 280 6.07 6.95 -20.79
C TYR A 280 5.32 6.17 -19.73
N ALA A 281 4.09 6.58 -19.39
CA ALA A 281 3.35 5.90 -18.32
C ALA A 281 3.00 4.46 -18.70
N ALA A 282 2.51 4.27 -19.94
CA ALA A 282 2.17 2.92 -20.39
C ALA A 282 3.39 2.00 -20.33
N GLU A 283 4.50 2.44 -20.91
CA GLU A 283 5.71 1.63 -20.89
C GLU A 283 6.18 1.39 -19.46
N PHE A 284 6.15 2.43 -18.61
CA PHE A 284 6.55 2.25 -17.21
C PHE A 284 5.64 1.27 -16.49
N ALA A 285 4.35 1.29 -16.81
CA ALA A 285 3.40 0.43 -16.11
C ALA A 285 3.64 -1.04 -16.47
N THR A 286 3.90 -1.31 -17.75
CA THR A 286 4.19 -2.68 -18.16
C THR A 286 5.45 -3.20 -17.48
N ALA A 287 6.54 -2.44 -17.54
CA ALA A 287 7.80 -2.90 -16.97
C ALA A 287 7.67 -3.11 -15.47
N THR A 288 6.96 -2.22 -14.78
CA THR A 288 6.83 -2.34 -13.33
C THR A 288 6.05 -3.58 -12.96
N ILE A 289 4.92 -3.80 -13.63
CA ILE A 289 4.09 -4.97 -13.34
C ILE A 289 4.84 -6.25 -13.68
N ASP A 290 5.45 -6.30 -14.88
CA ASP A 290 6.26 -7.47 -15.22
C ASP A 290 7.33 -7.74 -14.17
N ALA A 291 8.02 -6.68 -13.72
CA ALA A 291 9.13 -6.86 -12.78
C ALA A 291 8.65 -7.35 -11.42
N VAL A 292 7.55 -6.80 -10.91
CA VAL A 292 7.12 -7.20 -9.57
C VAL A 292 6.51 -8.60 -9.60
N LEU A 293 5.83 -8.95 -10.68
CA LEU A 293 5.23 -10.27 -10.82
C LEU A 293 6.24 -11.36 -11.11
N ASP A 294 7.51 -11.01 -11.30
CA ASP A 294 8.58 -12.00 -11.24
C ASP A 294 9.01 -12.30 -9.81
N CYS A 295 8.26 -11.79 -8.82
CA CYS A 295 8.50 -12.06 -7.41
C CYS A 295 7.47 -13.03 -6.89
N PRO A 296 7.88 -14.13 -6.25
CA PRO A 296 6.89 -15.06 -5.68
C PRO A 296 6.10 -14.40 -4.56
N GLU A 297 4.91 -14.96 -4.30
CA GLU A 297 4.12 -14.64 -3.12
C GLU A 297 3.55 -13.23 -3.15
N VAL A 298 3.38 -12.67 -4.35
CA VAL A 298 2.74 -11.37 -4.47
C VAL A 298 1.23 -11.55 -4.32
N TRP A 299 0.66 -10.96 -3.28
CA TRP A 299 -0.79 -11.10 -3.06
C TRP A 299 -1.57 -10.45 -4.18
N GLY A 300 -1.12 -9.30 -4.66
CA GLY A 300 -1.83 -8.62 -5.71
C GLY A 300 -1.15 -7.30 -6.06
N VAL A 301 -1.60 -6.71 -7.16
CA VAL A 301 -1.13 -5.42 -7.65
C VAL A 301 -2.35 -4.50 -7.78
N THR A 302 -2.31 -3.37 -7.07
CA THR A 302 -3.43 -2.44 -6.96
C THR A 302 -2.95 -1.05 -7.40
N TRP A 303 -3.42 -0.59 -8.57
CA TRP A 303 -2.88 0.63 -9.16
C TRP A 303 -3.49 1.87 -8.52
N TRP A 304 -2.67 2.90 -8.35
CA TRP A 304 -3.13 4.22 -7.94
C TRP A 304 -3.05 5.11 -9.17
N CYS A 305 -4.19 5.49 -9.72
CA CYS A 305 -5.51 5.29 -9.13
C CYS A 305 -6.47 5.07 -10.29
N SER A 306 -7.75 4.86 -9.98
CA SER A 306 -8.72 4.62 -11.03
C SER A 306 -8.91 5.86 -11.91
N HIS A 307 -9.18 7.02 -11.30
CA HIS A 307 -9.58 8.23 -12.02
C HIS A 307 -8.72 9.42 -11.63
N ASP A 308 -8.36 10.23 -12.64
CA ASP A 308 -7.74 11.52 -12.36
C ASP A 308 -8.59 12.31 -11.36
N VAL A 309 -7.90 13.09 -10.53
CA VAL A 309 -8.55 14.06 -9.64
C VAL A 309 -9.08 15.22 -10.46
N ASP A 310 -10.30 15.67 -10.14
CA ASP A 310 -10.89 16.84 -10.79
C ASP A 310 -9.93 18.03 -10.74
N ARG A 311 -9.57 18.56 -11.90
CA ARG A 311 -8.65 19.69 -12.00
C ARG A 311 -9.24 20.99 -11.44
N ARG A 312 -10.53 21.02 -11.11
CA ARG A 312 -11.09 22.20 -10.45
C ARG A 312 -10.83 22.19 -8.96
N LEU A 313 -10.26 21.11 -8.42
CA LEU A 313 -9.96 21.02 -7.01
C LEU A 313 -8.56 21.55 -6.80
N ALA A 314 -8.39 22.37 -5.78
CA ALA A 314 -7.15 23.13 -5.60
C ALA A 314 -6.22 22.48 -4.58
N ASP A 315 -4.95 22.88 -4.66
CA ASP A 315 -3.87 22.69 -3.68
C ASP A 315 -3.29 21.28 -3.65
N PHE A 316 -3.68 20.39 -4.56
CA PHE A 316 -2.99 19.12 -4.69
C PHE A 316 -1.60 19.35 -5.28
N PRO A 317 -0.61 18.55 -4.86
CA PRO A 317 0.64 18.47 -5.65
C PRO A 317 0.34 18.07 -7.08
N GLU A 318 1.05 18.72 -8.02
CA GLU A 318 0.75 18.55 -9.45
C GLU A 318 0.63 17.08 -9.84
N LEU A 319 1.53 16.23 -9.34
CA LEU A 319 1.53 14.81 -9.71
C LEU A 319 0.21 14.14 -9.37
N GLU A 320 -0.53 14.65 -8.39
CA GLU A 320 -1.73 13.94 -7.95
C GLU A 320 -2.81 13.94 -9.02
N TYR A 321 -2.90 15.02 -9.80
CA TYR A 321 -4.02 15.18 -10.73
C TYR A 321 -4.04 14.09 -11.80
N SER A 322 -2.87 13.64 -12.28
CA SER A 322 -2.82 12.81 -13.47
C SER A 322 -2.45 11.34 -13.18
N LEU A 323 -2.70 10.88 -11.96
CA LEU A 323 -2.35 9.52 -11.58
C LEU A 323 -3.39 8.48 -11.99
N GLY A 324 -4.51 8.89 -12.60
CA GLY A 324 -5.57 7.94 -12.90
C GLY A 324 -5.25 7.06 -14.10
N LEU A 325 -5.79 5.84 -14.07
CA LEU A 325 -5.84 5.05 -15.29
C LEU A 325 -6.87 5.63 -16.26
N LEU A 326 -7.90 6.29 -15.72
CA LEU A 326 -8.91 6.96 -16.50
C LEU A 326 -8.83 8.46 -16.21
N THR A 327 -9.32 9.26 -17.16
CA THR A 327 -9.49 10.68 -16.92
C THR A 327 -10.72 10.93 -16.05
N GLN A 328 -10.87 12.18 -15.64
CA GLN A 328 -12.02 12.57 -14.81
C GLN A 328 -13.35 12.39 -15.52
N ASP A 329 -13.36 12.39 -16.85
CA ASP A 329 -14.60 12.14 -17.58
C ASP A 329 -14.72 10.69 -18.06
N ARG A 330 -13.91 9.80 -17.49
CA ARG A 330 -14.02 8.35 -17.62
C ARG A 330 -13.55 7.83 -18.98
N ARG A 331 -12.68 8.58 -19.66
CA ARG A 331 -11.99 8.07 -20.84
C ARG A 331 -10.77 7.26 -20.39
N VAL A 332 -10.52 6.14 -21.06
CA VAL A 332 -9.38 5.31 -20.68
C VAL A 332 -8.11 5.90 -21.29
N LYS A 333 -7.09 6.07 -20.46
CA LYS A 333 -5.79 6.53 -20.95
C LYS A 333 -4.98 5.38 -21.53
N PRO A 334 -4.00 5.68 -22.39
CA PRO A 334 -3.07 4.62 -22.84
C PRO A 334 -2.48 3.81 -21.69
N ALA A 335 -2.19 4.45 -20.56
CA ALA A 335 -1.66 3.71 -19.41
C ALA A 335 -2.73 2.78 -18.83
N GLY A 336 -3.99 3.22 -18.82
CA GLY A 336 -5.07 2.31 -18.48
C GLY A 336 -5.14 1.11 -19.41
N ARG A 337 -5.02 1.35 -20.72
CA ARG A 337 -5.02 0.26 -21.68
C ARG A 337 -3.87 -0.71 -21.42
N ALA A 338 -2.70 -0.19 -21.04
CA ALA A 338 -1.53 -1.05 -20.87
C ALA A 338 -1.65 -1.91 -19.62
N VAL A 339 -2.14 -1.32 -18.52
CA VAL A 339 -2.32 -2.11 -17.31
C VAL A 339 -3.35 -3.22 -17.54
N ALA A 340 -4.47 -2.89 -18.19
CA ALA A 340 -5.46 -3.93 -18.50
C ALA A 340 -4.84 -5.04 -19.33
N GLU A 341 -3.98 -4.68 -20.29
CA GLU A 341 -3.32 -5.71 -21.09
C GLU A 341 -2.38 -6.55 -20.25
N ALA A 342 -1.63 -5.93 -19.33
CA ALA A 342 -0.72 -6.70 -18.48
C ALA A 342 -1.50 -7.62 -17.54
N VAL A 343 -2.61 -7.13 -16.98
CA VAL A 343 -3.49 -7.97 -16.17
C VAL A 343 -3.93 -9.20 -16.98
N ARG A 344 -4.43 -8.98 -18.18
CA ARG A 344 -4.95 -10.08 -18.98
C ARG A 344 -3.85 -11.10 -19.27
N ARG A 345 -2.66 -10.63 -19.65
CA ARG A 345 -1.57 -11.54 -19.95
C ARG A 345 -1.13 -12.34 -18.73
N TRP A 346 -1.07 -11.70 -17.55
CA TRP A 346 -0.57 -12.40 -16.38
C TRP A 346 -1.58 -13.37 -15.81
N ARG A 347 -2.87 -13.09 -15.96
CA ARG A 347 -3.89 -14.03 -15.48
C ARG A 347 -3.90 -15.33 -16.28
N THR A 348 -3.48 -15.28 -17.54
CA THR A 348 -3.71 -16.44 -18.39
C THR A 348 -2.46 -16.98 -19.08
N GLU A 349 -1.54 -16.10 -19.49
CA GLU A 349 -0.50 -16.45 -20.44
C GLU A 349 0.89 -16.58 -19.84
N THR A 350 1.06 -16.31 -18.55
CA THR A 350 2.42 -16.32 -18.02
C THR A 350 2.54 -17.32 -16.88
N PRO A 351 3.67 -18.03 -16.78
CA PRO A 351 3.84 -19.00 -15.70
C PRO A 351 4.19 -18.32 -14.39
N ALA A 352 4.10 -19.09 -13.32
CA ALA A 352 4.48 -18.59 -12.01
C ALA A 352 5.97 -18.27 -11.99
N PRO A 353 6.39 -17.26 -11.22
CA PRO A 353 7.82 -16.96 -11.13
C PRO A 353 8.58 -18.05 -10.40
N ARG A 354 9.78 -18.36 -10.88
CA ARG A 354 10.66 -19.27 -10.20
C ARG A 354 11.09 -18.69 -8.85
N PRO A 355 11.49 -19.54 -7.91
CA PRO A 355 12.02 -19.03 -6.64
C PRO A 355 13.26 -18.16 -6.87
N ARG A 356 13.42 -17.18 -6.00
CA ARG A 356 14.63 -16.35 -6.00
C ARG A 356 15.60 -16.97 -4.99
N THR A 357 16.61 -17.67 -5.49
CA THR A 357 17.51 -18.44 -4.64
C THR A 357 18.74 -17.67 -4.20
N THR A 358 19.00 -16.51 -4.77
CA THR A 358 20.10 -15.66 -4.32
C THR A 358 19.55 -14.55 -3.44
N ALA A 359 20.09 -14.43 -2.22
CA ALA A 359 19.63 -13.42 -1.28
C ALA A 359 20.72 -12.38 -1.03
N LEU A 360 20.33 -11.10 -1.11
CA LEU A 360 21.19 -9.98 -0.72
C LEU A 360 21.07 -9.74 0.78
N VAL A 361 22.20 -9.66 1.47
CA VAL A 361 22.18 -9.43 2.92
C VAL A 361 21.76 -7.98 3.20
N VAL A 362 20.82 -7.81 4.11
CA VAL A 362 20.32 -6.50 4.50
C VAL A 362 20.75 -6.28 5.94
N ASP A 363 21.75 -5.41 6.15
CA ASP A 363 22.30 -5.12 7.48
C ASP A 363 21.86 -3.71 7.87
N VAL A 364 20.99 -3.64 8.87
CA VAL A 364 20.18 -2.45 9.07
C VAL A 364 20.37 -2.01 10.54
N GLY A 365 21.39 -2.58 11.19
CA GLY A 365 21.47 -2.54 12.63
C GLY A 365 20.58 -3.64 13.16
N PRO A 366 20.27 -3.64 14.48
CA PRO A 366 19.46 -4.71 15.07
C PRO A 366 18.26 -5.11 14.23
N GLY A 367 17.50 -4.17 13.71
CA GLY A 367 16.60 -4.49 12.63
C GLY A 367 15.17 -4.74 13.04
N ASP A 368 14.94 -5.26 14.24
CA ASP A 368 13.68 -4.99 14.90
C ASP A 368 13.46 -3.49 14.99
N GLN A 369 14.51 -2.78 15.45
CA GLN A 369 14.51 -1.33 15.55
C GLN A 369 14.99 -0.64 14.28
N ALA A 370 15.78 -1.34 13.46
CA ALA A 370 16.22 -0.85 12.16
C ALA A 370 16.80 0.57 12.19
N PRO A 371 17.80 0.81 13.05
CA PRO A 371 18.30 2.19 13.19
C PRO A 371 19.01 2.72 11.96
N ALA A 372 19.52 1.86 11.08
CA ALA A 372 20.20 2.30 9.87
C ALA A 372 19.54 1.72 8.63
N ARG A 373 18.21 1.72 8.62
CA ARG A 373 17.49 1.23 7.46
C ARG A 373 17.67 2.10 6.23
N SER A 374 18.24 3.31 6.38
CA SER A 374 18.42 4.15 5.21
C SER A 374 19.39 3.55 4.21
N VAL A 375 20.16 2.52 4.57
CA VAL A 375 20.93 1.79 3.57
C VAL A 375 20.05 1.11 2.53
N CYS A 376 18.74 1.00 2.80
CA CYS A 376 17.79 0.46 1.85
C CYS A 376 17.11 1.55 1.01
N ALA A 377 17.31 2.82 1.34
CA ALA A 377 16.69 3.92 0.62
C ALA A 377 17.39 4.14 -0.72
N PRO A 378 16.75 4.84 -1.66
CA PRO A 378 17.43 5.20 -2.91
C PRO A 378 18.78 5.84 -2.62
N GLY A 379 19.81 5.36 -3.33
CA GLY A 379 21.18 5.78 -3.07
C GLY A 379 21.89 4.97 -2.00
N GLY A 380 21.17 4.12 -1.26
CA GLY A 380 21.80 3.34 -0.24
C GLY A 380 22.52 2.11 -0.77
N ALA A 381 23.43 1.59 0.05
CA ALA A 381 24.25 0.45 -0.36
C ALA A 381 23.39 -0.77 -0.66
N VAL A 382 22.37 -1.03 0.15
CA VAL A 382 21.52 -2.19 -0.08
C VAL A 382 20.68 -1.99 -1.35
N PHE A 383 20.08 -0.81 -1.49
CA PHE A 383 19.35 -0.43 -2.70
C PHE A 383 20.17 -0.67 -3.96
N GLU A 384 21.35 -0.09 -4.04
CA GLU A 384 22.12 -0.16 -5.28
C GLU A 384 22.68 -1.57 -5.52
N ALA A 385 23.06 -2.27 -4.46
CA ALA A 385 23.46 -3.67 -4.62
C ALA A 385 22.32 -4.50 -5.20
N PHE A 386 21.08 -4.25 -4.77
CA PHE A 386 19.94 -4.99 -5.31
C PHE A 386 19.70 -4.68 -6.77
N MET A 387 19.74 -3.40 -7.15
CA MET A 387 19.52 -3.08 -8.56
C MET A 387 20.66 -3.60 -9.42
N ARG A 388 21.89 -3.63 -8.89
CA ARG A 388 23.00 -4.16 -9.68
C ARG A 388 22.83 -5.65 -9.95
N LEU A 389 22.57 -6.43 -8.88
CA LEU A 389 22.23 -7.85 -9.03
C LEU A 389 21.09 -8.07 -10.02
N THR A 390 19.98 -7.33 -9.84
CA THR A 390 18.85 -7.41 -10.75
C THR A 390 19.28 -7.21 -12.19
N ALA A 391 20.07 -6.16 -12.45
CA ALA A 391 20.53 -5.91 -13.81
C ALA A 391 21.43 -7.03 -14.30
N GLN A 392 22.17 -7.68 -13.41
CA GLN A 392 23.02 -8.80 -13.81
C GLN A 392 22.23 -10.08 -14.04
N GLY A 393 20.92 -10.05 -13.80
CA GLY A 393 20.10 -11.23 -14.01
C GLY A 393 20.06 -12.19 -12.85
N ALA A 394 20.46 -11.74 -11.66
CA ALA A 394 20.55 -12.60 -10.49
C ALA A 394 19.22 -12.79 -9.77
N ARG A 395 18.17 -12.07 -10.16
CA ARG A 395 16.82 -12.20 -9.60
C ARG A 395 16.86 -12.27 -8.07
N PRO A 396 17.38 -11.23 -7.40
CA PRO A 396 17.67 -11.36 -5.96
C PRO A 396 16.44 -11.26 -5.08
N THR A 397 16.48 -12.00 -3.98
CA THR A 397 15.64 -11.68 -2.83
C THR A 397 16.55 -11.02 -1.78
N THR A 398 16.05 -10.85 -0.55
CA THR A 398 16.84 -10.28 0.54
C THR A 398 16.72 -11.15 1.79
N VAL A 399 17.72 -11.01 2.66
CA VAL A 399 17.77 -11.68 3.95
C VAL A 399 18.44 -10.74 4.97
N LEU A 400 17.92 -10.72 6.19
CA LEU A 400 18.52 -9.91 7.24
C LEU A 400 19.89 -10.46 7.63
N ALA A 401 20.80 -9.55 7.98
CA ALA A 401 22.13 -9.98 8.41
C ALA A 401 22.05 -11.01 9.54
N GLU A 402 21.12 -10.81 10.48
CA GLU A 402 21.03 -11.69 11.63
C GLU A 402 20.48 -13.07 11.28
N HIS A 403 19.91 -13.25 10.09
CA HIS A 403 19.44 -14.55 9.64
C HIS A 403 20.22 -15.06 8.44
N ALA A 404 21.29 -14.35 8.03
CA ALA A 404 21.98 -14.68 6.78
C ALA A 404 22.70 -16.02 6.81
N THR A 405 23.06 -16.53 7.99
CA THR A 405 23.66 -17.86 8.10
C THR A 405 22.71 -18.88 8.74
N ASP A 406 21.43 -18.54 8.89
CA ASP A 406 20.43 -19.40 9.51
C ASP A 406 20.02 -20.47 8.50
N ALA A 407 20.59 -21.68 8.64
CA ALA A 407 20.31 -22.73 7.66
C ALA A 407 18.83 -23.06 7.58
N ASP A 408 18.08 -22.90 8.68
CA ASP A 408 16.66 -23.17 8.64
C ASP A 408 15.89 -22.07 7.92
N HIS A 409 16.24 -20.81 8.18
CA HIS A 409 15.62 -19.69 7.45
C HIS A 409 15.85 -19.83 5.96
N LEU A 410 17.10 -20.04 5.56
CA LEU A 410 17.47 -20.15 4.16
C LEU A 410 16.74 -21.31 3.48
N ALA A 411 16.82 -22.50 4.06
CA ALA A 411 16.19 -23.66 3.44
C ALA A 411 14.67 -23.50 3.36
N ALA A 412 14.05 -22.92 4.40
CA ALA A 412 12.62 -22.69 4.35
C ALA A 412 12.23 -21.78 3.19
N ARG A 413 13.13 -20.87 2.82
CA ARG A 413 12.90 -19.93 1.73
C ARG A 413 13.46 -20.41 0.40
N GLY A 414 14.16 -21.53 0.36
CA GLY A 414 14.80 -21.97 -0.87
C GLY A 414 16.00 -21.15 -1.28
N ILE A 415 16.66 -20.50 -0.33
CA ILE A 415 17.81 -19.65 -0.63
C ILE A 415 19.05 -20.51 -0.63
N THR A 416 19.80 -20.48 -1.73
CA THR A 416 21.00 -21.29 -1.87
C THR A 416 22.27 -20.46 -1.99
N GLU A 417 22.16 -19.15 -2.20
CA GLU A 417 23.31 -18.29 -2.34
C GLU A 417 23.03 -16.99 -1.59
N VAL A 418 24.03 -16.55 -0.83
CA VAL A 418 23.92 -15.37 0.02
C VAL A 418 25.08 -14.46 -0.32
N VAL A 419 24.79 -13.21 -0.70
CA VAL A 419 25.79 -12.21 -1.00
C VAL A 419 25.46 -10.93 -0.25
N THR A 420 26.51 -10.16 0.06
CA THR A 420 26.47 -8.87 0.71
C THR A 420 26.69 -7.75 -0.30
N PRO A 421 26.31 -6.51 0.04
CA PRO A 421 26.62 -5.39 -0.87
C PRO A 421 28.11 -5.22 -1.12
N HIS A 422 28.94 -5.50 -0.11
CA HIS A 422 30.38 -5.50 -0.28
C HIS A 422 30.81 -6.52 -1.34
N ASP A 423 30.14 -7.68 -1.39
CA ASP A 423 30.41 -8.66 -2.44
C ASP A 423 30.08 -8.09 -3.81
N VAL A 424 28.87 -7.53 -3.96
CA VAL A 424 28.48 -6.89 -5.20
C VAL A 424 29.39 -5.72 -5.54
N HIS A 425 30.05 -5.15 -4.53
CA HIS A 425 30.90 -3.95 -4.58
C HIS A 425 30.04 -2.71 -4.49
C1 NAG B . 4.52 10.73 0.53
C1 NAG B . 4.57 10.77 0.65
C2 NAG B . 3.29 11.68 0.57
C2 NAG B . 3.42 11.79 0.60
C3 NAG B . 1.95 10.96 0.43
C3 NAG B . 2.06 11.09 0.72
C4 NAG B . 2.00 9.75 -0.49
C4 NAG B . 1.96 9.89 -0.21
C5 NAG B . 3.24 8.96 -0.18
C5 NAG B . 3.18 9.00 -0.03
C6 NAG B . 3.39 7.71 -1.00
C6 NAG B . 3.21 7.81 -0.95
C7 NAG B . 3.21 11.85 3.02
C7 NAG B . 3.40 14.07 1.51
C8 NAG B . 3.26 12.76 4.18
C8 NAG B . 3.67 14.91 2.70
N2 NAG B . 3.31 12.43 1.82
N2 NAG B . 3.60 12.75 1.67
O1 NAG B . 5.68 11.46 0.31
O1 NAG B . 5.77 11.42 0.37
O3 NAG B . 0.96 11.88 -0.02
O3 NAG B . 1.03 12.02 0.40
O4 NAG B . 0.85 8.93 -0.28
O4 NAG B . 0.79 9.14 0.07
O5 NAG B . 4.36 9.79 -0.47
O5 NAG B . 4.36 9.76 -0.31
O6 NAG B . 4.51 6.95 -0.56
O6 NAG B . 4.36 7.01 -0.70
O7 NAG B . 3.10 10.63 3.16
O7 NAG B . 3.06 14.55 0.44
C1 AE3 C . 1.70 23.28 -5.01
C2 AE3 C . 1.50 22.01 -4.18
O2 AE3 C . 1.15 22.37 -2.87
C3 AE3 C . 0.85 21.29 -2.02
C4 AE3 C . 1.65 21.41 -0.71
O3 AE3 C . 1.79 20.14 -0.15
C5 AE3 C . 3.07 19.80 0.29
C6 AE3 C . 3.67 18.75 -0.65
O4 AE3 C . 3.28 17.46 -0.26
C1 EDO D . 17.48 -9.02 -15.83
O1 EDO D . 18.29 -9.38 -16.97
C2 EDO D . 16.86 -7.64 -16.06
O2 EDO D . 15.49 -7.76 -16.44
#